data_1XUC
#
_entry.id   1XUC
#
_cell.length_a   134.437
_cell.length_b   36.476
_cell.length_c   95.320
_cell.angle_alpha   90
_cell.angle_beta   130.507
_cell.angle_gamma   90
#
_symmetry.space_group_name_H-M   'C 1 2 1'
#
loop_
_entity.id
_entity.type
_entity.pdbx_description
1 polymer 'Collagenase 3'
2 non-polymer 'ZINC ION'
3 non-polymer 'CALCIUM ION'
4 non-polymer "N,N'-BIS(3-METHYLBENZYL)PYRIMIDINE-4,6-DICARBOXAMIDE"
5 water water
#
_entity_poly.entity_id   1
_entity_poly.type   'polypeptide(L)'
_entity_poly.pdbx_seq_one_letter_code
;YNVFPRTLKWSKMNLTYRIVNYTPDMTHSEVEKAFKKAFKVWSDVTPLNFTRLHDGIADIMISFGIKEHGDFYPFDGPSG
LLAHAFPPGPNYGGDAHFDDDETWTSSSKGYNLFLVAAHEFGHSLGLDHSKDPGALMFPIYTYTGKSHFMLPDDDVQGIQ
SLYGPGDEDPN
;
_entity_poly.pdbx_strand_id   A,B
#
# COMPACT_ATOMS: atom_id res chain seq x y z
N TYR A 1 12.33 -15.61 -7.35
CA TYR A 1 11.09 -14.79 -7.53
C TYR A 1 10.40 -14.59 -6.19
N ASN A 2 9.43 -13.67 -6.17
CA ASN A 2 8.69 -13.40 -4.96
C ASN A 2 7.26 -12.98 -5.27
N VAL A 3 6.31 -13.58 -4.56
CA VAL A 3 4.92 -13.25 -4.73
C VAL A 3 4.54 -12.40 -3.53
N PHE A 4 3.51 -11.57 -3.66
CA PHE A 4 3.10 -10.72 -2.55
C PHE A 4 2.66 -11.56 -1.36
N PRO A 5 2.95 -11.08 -0.13
CA PRO A 5 2.58 -11.77 1.10
C PRO A 5 1.09 -12.08 1.16
N ARG A 6 0.72 -13.07 1.98
CA ARG A 6 -0.67 -13.48 2.12
C ARG A 6 -1.51 -12.40 2.79
N THR A 7 -0.94 -11.74 3.80
CA THR A 7 -1.65 -10.68 4.51
C THR A 7 -0.92 -9.35 4.42
N LEU A 8 -1.66 -8.27 4.59
CA LEU A 8 -1.09 -6.93 4.52
C LEU A 8 -0.36 -6.65 5.83
N LYS A 9 0.97 -6.59 5.75
CA LYS A 9 1.78 -6.34 6.94
C LYS A 9 3.14 -5.80 6.55
N TRP A 10 3.86 -5.26 7.54
CA TRP A 10 5.19 -4.74 7.29
C TRP A 10 6.14 -5.93 7.20
N SER A 11 7.05 -5.89 6.24
CA SER A 11 7.99 -6.97 6.01
C SER A 11 9.28 -6.84 6.82
N LYS A 12 9.35 -5.80 7.65
CA LYS A 12 10.52 -5.56 8.48
C LYS A 12 10.05 -5.32 9.91
N MET A 13 10.86 -5.71 10.89
CA MET A 13 10.51 -5.54 12.30
C MET A 13 10.88 -4.16 12.81
N ASN A 14 11.84 -3.52 12.16
CA ASN A 14 12.27 -2.19 12.57
C ASN A 14 11.43 -1.14 11.84
N LEU A 15 10.53 -0.49 12.56
CA LEU A 15 9.68 0.53 11.98
C LEU A 15 10.00 1.89 12.58
N THR A 16 9.78 2.94 11.81
CA THR A 16 10.04 4.29 12.28
C THR A 16 8.75 5.10 12.24
N TYR A 17 8.66 6.11 13.10
CA TYR A 17 7.49 6.98 13.12
C TYR A 17 7.96 8.40 13.32
N ARG A 18 7.13 9.35 12.90
CA ARG A 18 7.46 10.76 13.02
C ARG A 18 6.20 11.55 13.36
N ILE A 19 6.30 12.41 14.38
CA ILE A 19 5.20 13.25 14.79
C ILE A 19 5.44 14.54 13.98
N VAL A 20 4.68 14.68 12.89
CA VAL A 20 4.84 15.82 12.00
C VAL A 20 4.41 17.15 12.60
N ASN A 21 3.31 17.15 13.32
CA ASN A 21 2.84 18.37 13.98
C ASN A 21 2.11 18.01 15.25
N TYR A 22 1.69 19.04 16.00
CA TYR A 22 1.02 18.83 17.27
C TYR A 22 -0.31 19.54 17.44
N THR A 23 -1.18 18.93 18.23
CA THR A 23 -2.49 19.50 18.50
C THR A 23 -2.35 20.65 19.50
N PRO A 24 -3.27 21.61 19.45
CA PRO A 24 -3.20 22.75 20.39
C PRO A 24 -3.58 22.31 21.80
N ASP A 25 -4.31 21.21 21.91
CA ASP A 25 -4.83 20.71 23.18
C ASP A 25 -3.87 20.17 24.25
N MET A 26 -2.71 19.69 23.83
CA MET A 26 -1.76 19.10 24.76
C MET A 26 -0.34 19.59 24.51
N THR A 27 0.50 19.51 25.54
CA THR A 27 1.90 19.94 25.40
C THR A 27 2.63 18.92 24.52
N HIS A 28 3.74 19.32 23.94
CA HIS A 28 4.50 18.40 23.10
C HIS A 28 4.87 17.15 23.89
N SER A 29 5.29 17.34 25.14
CA SER A 29 5.67 16.22 25.98
C SER A 29 4.53 15.22 26.19
N GLU A 30 3.32 15.73 26.41
CA GLU A 30 2.15 14.88 26.62
C GLU A 30 1.83 14.06 25.38
N VAL A 31 1.94 14.69 24.21
CA VAL A 31 1.66 14.03 22.95
C VAL A 31 2.70 12.94 22.68
N GLU A 32 3.97 13.28 22.89
CA GLU A 32 5.05 12.32 22.67
C GLU A 32 4.92 11.11 23.60
N LYS A 33 4.56 11.37 24.86
CA LYS A 33 4.39 10.31 25.84
C LYS A 33 3.25 9.40 25.43
N ALA A 34 2.15 10.00 24.98
CA ALA A 34 0.98 9.23 24.54
C ALA A 34 1.30 8.29 23.39
N PHE A 35 1.98 8.81 22.37
CA PHE A 35 2.32 7.99 21.20
C PHE A 35 3.35 6.93 21.54
N LYS A 36 4.33 7.28 22.39
CA LYS A 36 5.34 6.31 22.77
C LYS A 36 4.69 5.11 23.47
N LYS A 37 3.77 5.40 24.37
CA LYS A 37 3.05 4.36 25.11
C LYS A 37 2.18 3.54 24.17
N ALA A 38 1.56 4.20 23.20
CA ALA A 38 0.70 3.52 22.24
C ALA A 38 1.51 2.53 21.40
N PHE A 39 2.71 2.91 20.99
CA PHE A 39 3.52 2.00 20.21
C PHE A 39 3.99 0.84 21.09
N LYS A 40 4.25 1.13 22.35
CA LYS A 40 4.70 0.11 23.28
C LYS A 40 3.64 -0.97 23.48
N VAL A 41 2.38 -0.60 23.32
CA VAL A 41 1.28 -1.56 23.45
C VAL A 41 1.49 -2.70 22.45
N TRP A 42 1.93 -2.36 21.25
CA TRP A 42 2.14 -3.35 20.21
C TRP A 42 3.52 -4.01 20.23
N SER A 43 4.56 -3.24 20.55
CA SER A 43 5.89 -3.81 20.60
C SER A 43 6.03 -4.80 21.75
N ASP A 44 5.25 -4.62 22.81
CA ASP A 44 5.30 -5.52 23.96
C ASP A 44 4.80 -6.93 23.66
N VAL A 45 4.01 -7.09 22.60
CA VAL A 45 3.48 -8.41 22.27
C VAL A 45 3.86 -8.95 20.89
N THR A 46 4.89 -8.37 20.29
CA THR A 46 5.37 -8.77 18.97
C THR A 46 6.88 -8.55 18.93
N PRO A 47 7.53 -8.82 17.78
CA PRO A 47 8.97 -8.61 17.67
C PRO A 47 9.26 -7.22 17.09
N LEU A 48 8.22 -6.43 16.93
CA LEU A 48 8.35 -5.09 16.35
C LEU A 48 9.09 -4.08 17.22
N ASN A 49 9.87 -3.21 16.56
CA ASN A 49 10.61 -2.14 17.22
C ASN A 49 10.18 -0.83 16.58
N PHE A 50 9.97 0.20 17.40
CA PHE A 50 9.55 1.50 16.88
C PHE A 50 10.55 2.57 17.27
N THR A 51 11.13 3.22 16.25
CA THR A 51 12.10 4.28 16.48
C THR A 51 11.55 5.60 15.99
N ARG A 52 11.65 6.62 16.83
CA ARG A 52 11.14 7.93 16.47
C ARG A 52 12.12 8.73 15.62
N LEU A 53 11.61 9.39 14.59
CA LEU A 53 12.40 10.25 13.72
C LEU A 53 11.86 11.65 13.93
N HIS A 54 12.75 12.65 13.97
CA HIS A 54 12.29 14.02 14.17
C HIS A 54 12.04 14.74 12.86
N ASP A 55 12.52 14.16 11.77
CA ASP A 55 12.34 14.73 10.45
C ASP A 55 12.51 13.65 9.40
N GLY A 56 12.27 13.99 8.13
CA GLY A 56 12.41 13.02 7.07
C GLY A 56 11.20 12.12 6.92
N ILE A 57 11.34 11.09 6.09
CA ILE A 57 10.23 10.18 5.86
C ILE A 57 10.31 8.93 6.74
N ALA A 58 9.31 8.76 7.59
CA ALA A 58 9.22 7.63 8.49
C ALA A 58 8.16 6.67 7.97
N ASP A 59 8.17 5.43 8.45
CA ASP A 59 7.18 4.46 7.99
C ASP A 59 5.78 4.90 8.39
N ILE A 60 5.65 5.40 9.61
CA ILE A 60 4.38 5.86 10.12
C ILE A 60 4.44 7.37 10.39
N MET A 61 3.86 8.14 9.47
CA MET A 61 3.84 9.60 9.61
C MET A 61 2.58 9.97 10.38
N ILE A 62 2.75 10.66 11.50
CA ILE A 62 1.63 11.07 12.36
C ILE A 62 1.35 12.56 12.25
N SER A 63 0.09 12.91 12.04
CA SER A 63 -0.24 14.33 11.94
C SER A 63 -1.64 14.67 12.39
N PHE A 64 -1.82 15.92 12.78
CA PHE A 64 -3.11 16.45 13.20
C PHE A 64 -3.55 17.41 12.11
N GLY A 65 -4.81 17.28 11.67
CA GLY A 65 -5.29 18.16 10.63
C GLY A 65 -6.80 18.27 10.68
N ILE A 66 -7.36 19.13 9.84
CA ILE A 66 -8.81 19.29 9.82
C ILE A 66 -9.33 19.27 8.39
N LYS A 67 -10.62 19.00 8.25
CA LYS A 67 -11.27 18.97 6.94
C LYS A 67 -10.39 18.28 5.89
N GLU A 68 -10.19 18.91 4.74
CA GLU A 68 -9.33 18.33 3.70
C GLU A 68 -7.89 18.49 4.16
N HIS A 69 -7.16 17.37 4.25
CA HIS A 69 -5.78 17.43 4.72
C HIS A 69 -4.78 16.61 3.90
N GLY A 70 -5.15 16.25 2.68
CA GLY A 70 -4.20 15.52 1.85
C GLY A 70 -4.49 14.08 1.46
N ASP A 71 -5.74 13.65 1.57
CA ASP A 71 -6.12 12.30 1.17
C ASP A 71 -7.58 12.25 0.82
N PHE A 72 -8.11 11.05 0.58
CA PHE A 72 -9.50 10.89 0.20
C PHE A 72 -10.44 10.76 1.39
N TYR A 73 -9.96 11.06 2.59
CA TYR A 73 -10.77 10.92 3.78
C TYR A 73 -10.80 12.20 4.60
N PRO A 74 -11.41 13.26 4.08
CA PRO A 74 -11.47 14.53 4.80
C PRO A 74 -12.21 14.41 6.13
N PHE A 75 -11.74 15.16 7.13
CA PHE A 75 -12.41 15.15 8.42
C PHE A 75 -13.65 16.03 8.34
N ASP A 76 -14.42 16.05 9.42
CA ASP A 76 -15.70 16.75 9.42
C ASP A 76 -16.01 17.76 10.51
N GLY A 77 -15.00 18.43 11.06
CA GLY A 77 -15.27 19.39 12.12
C GLY A 77 -15.51 18.66 13.43
N PRO A 78 -15.95 19.34 14.49
CA PRO A 78 -16.21 18.68 15.77
C PRO A 78 -17.24 17.54 15.69
N SER A 79 -16.97 16.47 16.43
CA SER A 79 -17.82 15.27 16.48
C SER A 79 -17.70 14.46 15.20
N GLY A 80 -18.36 13.31 15.13
CA GLY A 80 -18.25 12.50 13.94
C GLY A 80 -16.92 11.76 13.88
N LEU A 81 -16.28 11.77 12.71
CA LEU A 81 -14.99 11.10 12.53
C LEU A 81 -13.97 11.68 13.51
N LEU A 82 -13.03 10.88 13.98
CA LEU A 82 -12.05 11.43 14.90
C LEU A 82 -10.62 11.16 14.48
N ALA A 83 -10.40 10.05 13.79
CA ALA A 83 -9.07 9.70 13.34
C ALA A 83 -9.09 8.49 12.42
N HIS A 84 -8.02 8.29 11.68
CA HIS A 84 -7.91 7.14 10.80
C HIS A 84 -6.46 6.87 10.47
N ALA A 85 -6.19 5.65 10.00
CA ALA A 85 -4.83 5.27 9.66
C ALA A 85 -4.86 4.33 8.47
N PHE A 86 -3.82 4.39 7.66
CA PHE A 86 -3.74 3.53 6.48
C PHE A 86 -3.01 2.23 6.79
N PRO A 87 -3.45 1.13 6.16
CA PRO A 87 -2.80 -0.16 6.39
C PRO A 87 -1.38 -0.17 5.84
N PRO A 88 -0.57 -1.16 6.23
CA PRO A 88 0.81 -1.26 5.77
C PRO A 88 0.93 -1.14 4.25
N GLY A 89 1.90 -0.35 3.80
CA GLY A 89 2.08 -0.18 2.36
C GLY A 89 3.04 0.96 2.08
N PRO A 90 3.36 1.19 0.80
CA PRO A 90 4.29 2.27 0.44
C PRO A 90 3.67 3.65 0.62
N ASN A 91 4.52 4.66 0.61
CA ASN A 91 4.10 6.04 0.73
C ASN A 91 3.20 6.33 1.93
N TYR A 92 1.93 6.65 1.72
CA TYR A 92 1.05 6.96 2.85
C TYR A 92 0.62 5.76 3.70
N GLY A 93 0.97 4.55 3.26
CA GLY A 93 0.60 3.37 4.03
C GLY A 93 1.15 3.47 5.44
N GLY A 94 0.34 3.13 6.44
CA GLY A 94 0.80 3.20 7.82
C GLY A 94 0.60 4.55 8.49
N ASP A 95 0.41 5.61 7.70
CA ASP A 95 0.24 6.94 8.28
C ASP A 95 -1.00 7.04 9.15
N ALA A 96 -0.93 7.88 10.18
CA ALA A 96 -2.05 8.07 11.10
C ALA A 96 -2.42 9.54 11.20
N HIS A 97 -3.70 9.82 10.99
CA HIS A 97 -4.21 11.18 11.02
C HIS A 97 -5.24 11.38 12.11
N PHE A 98 -5.10 12.47 12.86
CA PHE A 98 -6.01 12.80 13.95
C PHE A 98 -6.72 14.11 13.64
N ASP A 99 -8.04 14.12 13.81
CA ASP A 99 -8.85 15.30 13.52
C ASP A 99 -8.65 16.35 14.60
N ASP A 100 -8.04 17.47 14.24
CA ASP A 100 -7.79 18.50 15.24
C ASP A 100 -8.98 19.39 15.56
N ASP A 101 -10.16 18.98 15.11
CA ASP A 101 -11.37 19.72 15.45
C ASP A 101 -11.98 18.97 16.64
N GLU A 102 -11.32 17.88 17.04
CA GLU A 102 -11.77 17.10 18.20
C GLU A 102 -10.96 17.60 19.39
N THR A 103 -11.32 17.17 20.58
CA THR A 103 -10.58 17.57 21.77
C THR A 103 -9.75 16.36 22.23
N TRP A 104 -8.44 16.53 22.24
CA TRP A 104 -7.54 15.46 22.64
C TRP A 104 -7.03 15.68 24.06
N THR A 105 -6.97 14.60 24.84
CA THR A 105 -6.53 14.71 26.22
C THR A 105 -5.70 13.53 26.69
N SER A 106 -5.14 13.66 27.88
CA SER A 106 -4.35 12.60 28.48
C SER A 106 -5.15 12.05 29.66
N SER A 107 -6.39 12.50 29.78
CA SER A 107 -7.30 12.07 30.84
C SER A 107 -8.50 11.34 30.25
N SER A 108 -9.65 11.44 30.93
CA SER A 108 -10.87 10.78 30.47
C SER A 108 -11.84 11.72 29.76
N LYS A 109 -11.48 13.00 29.68
CA LYS A 109 -12.34 13.97 29.01
C LYS A 109 -12.04 13.92 27.52
N GLY A 110 -13.00 14.31 26.70
CA GLY A 110 -12.79 14.28 25.25
C GLY A 110 -12.28 12.91 24.83
N TYR A 111 -11.31 12.89 23.92
CA TYR A 111 -10.75 11.63 23.46
C TYR A 111 -9.35 11.45 24.01
N ASN A 112 -9.11 10.34 24.69
CA ASN A 112 -7.79 10.07 25.24
C ASN A 112 -6.86 9.76 24.06
N LEU A 113 -5.87 10.63 23.84
CA LEU A 113 -4.96 10.46 22.71
C LEU A 113 -4.27 9.10 22.70
N PHE A 114 -3.74 8.68 23.84
CA PHE A 114 -3.07 7.38 23.91
C PHE A 114 -3.98 6.25 23.43
N LEU A 115 -5.22 6.22 23.93
CA LEU A 115 -6.15 5.18 23.56
C LEU A 115 -6.47 5.17 22.06
N VAL A 116 -6.77 6.35 21.52
CA VAL A 116 -7.08 6.45 20.11
C VAL A 116 -5.84 6.11 19.28
N ALA A 117 -4.68 6.57 19.74
CA ALA A 117 -3.44 6.29 19.01
C ALA A 117 -3.17 4.79 18.99
N ALA A 118 -3.36 4.12 20.12
CA ALA A 118 -3.13 2.67 20.18
C ALA A 118 -4.00 1.98 19.13
N HIS A 119 -5.25 2.41 19.04
CA HIS A 119 -6.21 1.87 18.08
C HIS A 119 -5.73 2.12 16.66
N GLU A 120 -5.41 3.38 16.36
CA GLU A 120 -4.96 3.74 15.02
C GLU A 120 -3.70 3.00 14.60
N PHE A 121 -2.76 2.83 15.53
CA PHE A 121 -1.52 2.13 15.19
C PHE A 121 -1.84 0.67 14.89
N GLY A 122 -2.95 0.18 15.43
CA GLY A 122 -3.34 -1.19 15.14
C GLY A 122 -3.62 -1.25 13.65
N HIS A 123 -4.29 -0.24 13.12
CA HIS A 123 -4.58 -0.17 11.69
C HIS A 123 -3.28 -0.01 10.91
N SER A 124 -2.40 0.85 11.41
CA SER A 124 -1.11 1.10 10.76
C SER A 124 -0.31 -0.19 10.62
N LEU A 125 -0.57 -1.15 11.50
CA LEU A 125 0.16 -2.42 11.48
C LEU A 125 -0.54 -3.56 10.74
N GLY A 126 -1.80 -3.34 10.35
CA GLY A 126 -2.50 -4.37 9.61
C GLY A 126 -3.79 -4.92 10.19
N LEU A 127 -4.25 -4.37 11.32
CA LEU A 127 -5.49 -4.84 11.91
C LEU A 127 -6.67 -3.98 11.47
N ASP A 128 -7.79 -4.64 11.18
CA ASP A 128 -9.00 -3.94 10.79
C ASP A 128 -9.84 -3.95 12.08
N HIS A 129 -11.14 -3.70 11.98
CA HIS A 129 -11.98 -3.70 13.17
C HIS A 129 -12.41 -5.09 13.65
N SER A 130 -12.65 -5.19 14.94
CA SER A 130 -13.07 -6.44 15.58
C SER A 130 -14.53 -6.35 16.02
N LYS A 131 -15.19 -7.50 16.16
CA LYS A 131 -16.58 -7.50 16.59
C LYS A 131 -16.69 -7.67 18.11
N ASP A 132 -15.54 -7.87 18.76
CA ASP A 132 -15.51 -8.02 20.22
C ASP A 132 -15.70 -6.63 20.81
N PRO A 133 -16.84 -6.39 21.48
CA PRO A 133 -17.12 -5.08 22.09
C PRO A 133 -16.04 -4.54 23.03
N GLY A 134 -15.25 -5.44 23.60
CA GLY A 134 -14.21 -5.01 24.52
C GLY A 134 -12.82 -4.91 23.93
N ALA A 135 -12.68 -5.21 22.64
CA ALA A 135 -11.38 -5.15 21.99
C ALA A 135 -10.94 -3.72 21.72
N LEU A 136 -9.63 -3.51 21.67
CA LEU A 136 -9.09 -2.19 21.39
C LEU A 136 -9.52 -1.81 19.98
N MET A 137 -9.60 -2.81 19.10
CA MET A 137 -9.97 -2.56 17.72
C MET A 137 -11.47 -2.55 17.42
N PHE A 138 -12.29 -2.49 18.46
CA PHE A 138 -13.74 -2.40 18.27
C PHE A 138 -13.90 -1.06 17.56
N PRO A 139 -14.88 -0.93 16.66
CA PRO A 139 -15.05 0.35 15.95
C PRO A 139 -15.50 1.60 16.72
N ILE A 140 -16.09 1.41 17.89
CA ILE A 140 -16.59 2.55 18.68
C ILE A 140 -15.82 2.83 19.96
N TYR A 141 -15.34 4.07 20.09
CA TYR A 141 -14.59 4.52 21.27
C TYR A 141 -15.39 4.22 22.52
N THR A 142 -14.82 3.38 23.39
CA THR A 142 -15.49 2.98 24.62
C THR A 142 -14.52 3.00 25.82
N TYR A 143 -14.20 4.20 26.29
CA TYR A 143 -13.31 4.38 27.43
C TYR A 143 -13.95 3.70 28.63
N THR A 144 -13.22 2.77 29.26
CA THR A 144 -13.75 2.02 30.41
C THR A 144 -13.59 2.68 31.77
N GLY A 145 -12.64 3.60 31.89
CA GLY A 145 -12.44 4.27 33.15
C GLY A 145 -11.46 3.59 34.09
N LYS A 146 -10.90 2.46 33.66
CA LYS A 146 -9.94 1.74 34.49
C LYS A 146 -8.64 2.52 34.59
N SER A 147 -7.93 2.36 35.71
CA SER A 147 -6.67 3.06 35.95
C SER A 147 -5.49 2.47 35.21
N HIS A 148 -5.62 1.23 34.74
CA HIS A 148 -4.53 0.57 34.03
C HIS A 148 -4.99 0.02 32.68
N PHE A 149 -4.16 0.19 31.67
CA PHE A 149 -4.51 -0.31 30.34
C PHE A 149 -3.89 -1.68 30.11
N MET A 150 -4.69 -2.60 29.58
CA MET A 150 -4.21 -3.94 29.29
C MET A 150 -4.79 -4.30 27.92
N LEU A 151 -3.91 -4.64 26.98
CA LEU A 151 -4.34 -5.01 25.63
C LEU A 151 -5.23 -6.25 25.69
N PRO A 152 -6.48 -6.14 25.22
CA PRO A 152 -7.41 -7.27 25.23
C PRO A 152 -6.87 -8.44 24.42
N ASP A 153 -7.24 -9.65 24.83
CA ASP A 153 -6.75 -10.84 24.13
C ASP A 153 -7.07 -10.89 22.65
N ASP A 154 -8.24 -10.39 22.25
CA ASP A 154 -8.59 -10.40 20.83
C ASP A 154 -7.54 -9.66 20.01
N ASP A 155 -7.07 -8.54 20.54
CA ASP A 155 -6.07 -7.73 19.85
C ASP A 155 -4.72 -8.43 19.89
N VAL A 156 -4.41 -9.09 21.00
CA VAL A 156 -3.15 -9.81 21.10
C VAL A 156 -3.13 -10.91 20.05
N GLN A 157 -4.20 -11.68 19.96
CA GLN A 157 -4.26 -12.76 18.98
C GLN A 157 -4.19 -12.22 17.56
N GLY A 158 -4.82 -11.08 17.33
CA GLY A 158 -4.81 -10.50 16.00
C GLY A 158 -3.45 -10.02 15.55
N ILE A 159 -2.77 -9.24 16.38
CA ILE A 159 -1.47 -8.73 15.99
C ILE A 159 -0.41 -9.84 15.90
N GLN A 160 -0.52 -10.87 16.73
CA GLN A 160 0.44 -11.97 16.67
C GLN A 160 0.21 -12.88 15.46
N SER A 161 -0.99 -12.83 14.89
CA SER A 161 -1.26 -13.66 13.71
C SER A 161 -0.49 -13.08 12.53
N LEU A 162 -0.13 -11.80 12.64
CA LEU A 162 0.61 -11.12 11.59
C LEU A 162 2.12 -11.10 11.81
N TYR A 163 2.54 -10.82 13.04
CA TYR A 163 3.97 -10.69 13.34
C TYR A 163 4.62 -11.67 14.30
N GLY A 164 3.85 -12.59 14.86
CA GLY A 164 4.44 -13.50 15.81
C GLY A 164 4.42 -12.80 17.16
N PRO A 165 4.74 -13.52 18.25
CA PRO A 165 4.75 -12.95 19.61
C PRO A 165 6.03 -12.28 20.07
N GLY A 166 7.12 -12.48 19.34
CA GLY A 166 8.38 -11.91 19.80
C GLY A 166 8.71 -12.66 21.07
N ASP A 167 9.45 -12.05 21.99
CA ASP A 167 9.80 -12.70 23.25
C ASP A 167 8.52 -12.89 24.04
N GLU A 168 8.19 -14.13 24.37
CA GLU A 168 6.97 -14.41 25.12
C GLU A 168 7.06 -14.09 26.60
N ASP A 169 8.25 -13.78 27.07
CA ASP A 169 8.45 -13.45 28.48
C ASP A 169 9.70 -12.58 28.68
N TYR B 1 -11.16 -10.76 15.86
CA TYR B 1 -10.31 -9.73 15.19
C TYR B 1 -10.39 -9.90 13.67
N ASN B 2 -9.89 -8.90 12.95
CA ASN B 2 -9.86 -8.93 11.50
C ASN B 2 -8.57 -8.31 10.99
N VAL B 3 -8.03 -8.86 9.91
CA VAL B 3 -6.83 -8.30 9.32
C VAL B 3 -7.28 -7.79 7.96
N PHE B 4 -6.37 -7.18 7.22
CA PHE B 4 -6.70 -6.66 5.89
C PHE B 4 -6.36 -7.76 4.88
N PRO B 5 -7.39 -8.27 4.18
CA PRO B 5 -7.28 -9.32 3.17
C PRO B 5 -6.47 -8.92 1.94
N ARG B 6 -5.62 -9.84 1.47
CA ARG B 6 -4.80 -9.59 0.29
C ARG B 6 -5.06 -10.61 -0.79
N THR B 7 -5.73 -10.19 -1.86
CA THR B 7 -6.01 -11.08 -2.98
C THR B 7 -4.67 -11.48 -3.58
N LEU B 8 -4.24 -12.70 -3.29
CA LEU B 8 -2.96 -13.19 -3.79
C LEU B 8 -2.93 -13.40 -5.29
N LYS B 9 -4.09 -13.63 -5.88
CA LYS B 9 -4.17 -13.85 -7.32
C LYS B 9 -5.60 -13.67 -7.78
N TRP B 10 -5.77 -13.36 -9.06
CA TRP B 10 -7.11 -13.18 -9.59
C TRP B 10 -7.87 -14.50 -9.50
N SER B 11 -9.11 -14.43 -9.07
CA SER B 11 -9.95 -15.61 -8.90
C SER B 11 -10.54 -16.12 -10.21
N LYS B 12 -10.19 -15.46 -11.32
CA LYS B 12 -10.68 -15.84 -12.63
C LYS B 12 -9.53 -15.84 -13.62
N MET B 13 -9.64 -16.63 -14.67
CA MET B 13 -8.58 -16.71 -15.66
C MET B 13 -8.75 -15.70 -16.81
N ASN B 14 -9.96 -15.18 -16.96
CA ASN B 14 -10.23 -14.22 -18.03
C ASN B 14 -10.28 -12.82 -17.45
N LEU B 15 -9.29 -12.00 -17.80
CA LEU B 15 -9.22 -10.63 -17.31
C LEU B 15 -9.39 -9.63 -18.43
N THR B 16 -9.84 -8.43 -18.09
CA THR B 16 -10.04 -7.38 -19.06
C THR B 16 -9.11 -6.19 -18.76
N TYR B 17 -8.77 -5.44 -19.80
CA TYR B 17 -7.93 -4.27 -19.63
C TYR B 17 -8.43 -3.16 -20.53
N ARG B 18 -8.09 -1.93 -20.20
CA ARG B 18 -8.52 -0.79 -20.99
C ARG B 18 -7.43 0.27 -21.01
N ILE B 19 -7.11 0.76 -22.20
CA ILE B 19 -6.10 1.81 -22.34
C ILE B 19 -6.92 3.10 -22.28
N VAL B 20 -6.89 3.77 -21.13
CA VAL B 20 -7.68 4.98 -20.92
C VAL B 20 -7.20 6.19 -21.71
N ASN B 21 -5.90 6.40 -21.78
CA ASN B 21 -5.36 7.51 -22.54
C ASN B 21 -3.99 7.13 -23.10
N TYR B 22 -3.41 8.04 -23.89
CA TYR B 22 -2.14 7.76 -24.56
C TYR B 22 -1.04 8.79 -24.36
N THR B 23 0.19 8.29 -24.34
CA THR B 23 1.36 9.15 -24.19
C THR B 23 1.64 9.91 -25.49
N PRO B 24 2.22 11.11 -25.39
CA PRO B 24 2.53 11.91 -26.57
C PRO B 24 3.68 11.35 -27.41
N ASP B 25 4.53 10.53 -26.79
CA ASP B 25 5.71 9.98 -27.44
C ASP B 25 5.58 8.87 -28.47
N MET B 26 4.44 8.20 -28.52
CA MET B 26 4.25 7.09 -29.44
C MET B 26 2.90 7.19 -30.14
N THR B 27 2.75 6.48 -31.26
CA THR B 27 1.47 6.51 -31.96
C THR B 27 0.51 5.60 -31.21
N HIS B 28 -0.79 5.78 -31.44
CA HIS B 28 -1.79 4.96 -30.78
C HIS B 28 -1.52 3.50 -31.10
N SER B 29 -1.16 3.23 -32.35
CA SER B 29 -0.86 1.87 -32.80
C SER B 29 0.29 1.25 -32.03
N GLU B 30 1.36 2.02 -31.83
CA GLU B 30 2.53 1.52 -31.10
C GLU B 30 2.20 1.22 -29.65
N VAL B 31 1.40 2.09 -29.03
CA VAL B 31 1.02 1.89 -27.64
C VAL B 31 0.15 0.65 -27.49
N GLU B 32 -0.84 0.52 -28.36
CA GLU B 32 -1.74 -0.61 -28.32
C GLU B 32 -1.00 -1.94 -28.52
N LYS B 33 -0.05 -1.95 -29.44
CA LYS B 33 0.71 -3.17 -29.68
C LYS B 33 1.67 -3.49 -28.54
N ALA B 34 2.20 -2.46 -27.90
CA ALA B 34 3.12 -2.65 -26.80
C ALA B 34 2.41 -3.32 -25.62
N PHE B 35 1.22 -2.81 -25.29
CA PHE B 35 0.47 -3.40 -24.18
C PHE B 35 -0.04 -4.80 -24.53
N LYS B 36 -0.41 -5.01 -25.79
CA LYS B 36 -0.89 -6.32 -26.20
C LYS B 36 0.22 -7.33 -26.03
N LYS B 37 1.42 -6.95 -26.46
CA LYS B 37 2.58 -7.83 -26.34
C LYS B 37 2.93 -8.08 -24.88
N ALA B 38 2.78 -7.05 -24.05
CA ALA B 38 3.08 -7.18 -22.62
C ALA B 38 2.16 -8.19 -21.93
N PHE B 39 0.89 -8.20 -22.30
CA PHE B 39 -0.05 -9.15 -21.71
C PHE B 39 0.24 -10.56 -22.22
N LYS B 40 0.67 -10.64 -23.48
CA LYS B 40 0.99 -11.92 -24.08
C LYS B 40 2.13 -12.60 -23.35
N VAL B 41 3.01 -11.79 -22.75
CA VAL B 41 4.14 -12.34 -22.01
C VAL B 41 3.64 -13.29 -20.92
N TRP B 42 2.60 -12.86 -20.23
CA TRP B 42 2.04 -13.64 -19.13
C TRP B 42 1.04 -14.71 -19.55
N SER B 43 0.24 -14.42 -20.56
CA SER B 43 -0.75 -15.39 -21.03
C SER B 43 -0.08 -16.57 -21.75
N ASP B 44 1.12 -16.35 -22.28
CA ASP B 44 1.84 -17.41 -22.98
C ASP B 44 2.34 -18.51 -22.05
N VAL B 45 2.42 -18.23 -20.75
CA VAL B 45 2.92 -19.22 -19.80
C VAL B 45 1.96 -19.55 -18.65
N THR B 46 0.69 -19.17 -18.80
CA THR B 46 -0.32 -19.42 -17.78
C THR B 46 -1.67 -19.61 -18.45
N PRO B 47 -2.72 -19.94 -17.67
CA PRO B 47 -4.05 -20.14 -18.25
C PRO B 47 -4.76 -18.79 -18.44
N LEU B 48 -4.10 -17.71 -18.05
CA LEU B 48 -4.67 -16.38 -18.15
C LEU B 48 -4.95 -15.91 -19.58
N ASN B 49 -6.07 -15.21 -19.73
CA ASN B 49 -6.50 -14.65 -21.02
C ASN B 49 -6.80 -13.18 -20.77
N PHE B 50 -6.41 -12.33 -21.72
CA PHE B 50 -6.65 -10.89 -21.59
C PHE B 50 -7.44 -10.35 -22.77
N THR B 51 -8.49 -9.58 -22.47
CA THR B 51 -9.33 -9.00 -23.51
C THR B 51 -9.41 -7.50 -23.32
N ARG B 52 -9.29 -6.77 -24.42
CA ARG B 52 -9.32 -5.30 -24.38
C ARG B 52 -10.71 -4.72 -24.49
N LEU B 53 -11.02 -3.78 -23.60
CA LEU B 53 -12.31 -3.09 -23.60
C LEU B 53 -11.98 -1.66 -24.00
N HIS B 54 -12.90 -1.03 -24.73
CA HIS B 54 -12.67 0.34 -25.18
C HIS B 54 -13.40 1.38 -24.35
N ASP B 55 -14.17 0.92 -23.38
CA ASP B 55 -14.90 1.81 -22.49
C ASP B 55 -15.33 1.03 -21.25
N GLY B 56 -15.82 1.75 -20.26
CA GLY B 56 -16.26 1.10 -19.03
C GLY B 56 -15.07 0.77 -18.16
N ILE B 57 -15.31 0.05 -17.07
CA ILE B 57 -14.23 -0.30 -16.16
C ILE B 57 -13.76 -1.73 -16.40
N ALA B 58 -12.46 -1.87 -16.66
CA ALA B 58 -11.86 -3.16 -16.90
C ALA B 58 -11.09 -3.56 -15.64
N ASP B 59 -10.72 -4.84 -15.54
CA ASP B 59 -9.97 -5.30 -14.37
C ASP B 59 -8.65 -4.57 -14.25
N ILE B 60 -8.01 -4.30 -15.37
CA ILE B 60 -6.74 -3.60 -15.37
C ILE B 60 -6.87 -2.31 -16.18
N MET B 61 -7.02 -1.20 -15.48
CA MET B 61 -7.15 0.10 -16.13
C MET B 61 -5.73 0.65 -16.32
N ILE B 62 -5.41 0.99 -17.57
CA ILE B 62 -4.09 1.51 -17.93
C ILE B 62 -4.16 2.98 -18.28
N SER B 63 -3.28 3.79 -17.68
CA SER B 63 -3.29 5.21 -17.99
C SER B 63 -1.94 5.87 -17.79
N PHE B 64 -1.78 7.01 -18.45
CA PHE B 64 -0.57 7.80 -18.34
C PHE B 64 -0.93 9.05 -17.56
N GLY B 65 -0.08 9.43 -16.62
CA GLY B 65 -0.34 10.63 -15.83
C GLY B 65 0.94 11.18 -15.27
N ILE B 66 0.87 12.38 -14.71
CA ILE B 66 2.06 13.01 -14.13
C ILE B 66 1.76 13.54 -12.73
N LYS B 67 2.81 13.73 -11.94
CA LYS B 67 2.68 14.22 -10.58
C LYS B 67 1.51 13.57 -9.85
N GLU B 68 0.67 14.36 -9.18
CA GLU B 68 -0.49 13.79 -8.50
C GLU B 68 -1.55 13.54 -9.56
N HIS B 69 -1.91 12.28 -9.73
CA HIS B 69 -2.86 11.90 -10.77
C HIS B 69 -4.11 11.16 -10.32
N GLY B 70 -4.45 11.24 -9.04
CA GLY B 70 -5.66 10.59 -8.57
C GLY B 70 -5.62 9.46 -7.56
N ASP B 71 -4.44 9.09 -7.07
CA ASP B 71 -4.38 8.00 -6.09
C ASP B 71 -3.46 8.31 -4.91
N PHE B 72 -2.96 9.53 -4.86
CA PHE B 72 -2.06 9.98 -3.82
C PHE B 72 -0.72 9.25 -3.73
N TYR B 73 -0.30 8.71 -4.87
CA TYR B 73 0.99 8.04 -5.06
C TYR B 73 1.53 8.86 -6.23
N PRO B 74 1.81 10.15 -6.00
CA PRO B 74 2.31 11.03 -7.04
C PRO B 74 3.62 10.65 -7.73
N PHE B 75 3.68 10.91 -9.02
CA PHE B 75 4.90 10.65 -9.77
C PHE B 75 5.79 11.85 -9.48
N ASP B 76 7.03 11.79 -9.93
CA ASP B 76 8.02 12.83 -9.62
C ASP B 76 8.69 13.60 -10.76
N GLY B 77 8.03 13.73 -11.90
CA GLY B 77 8.65 14.45 -13.01
C GLY B 77 9.66 13.54 -13.68
N PRO B 78 10.52 14.07 -14.57
CA PRO B 78 11.52 13.23 -15.26
C PRO B 78 12.44 12.47 -14.31
N SER B 79 12.70 11.21 -14.65
CA SER B 79 13.58 10.34 -13.86
C SER B 79 12.95 9.92 -12.54
N GLY B 80 13.55 8.92 -11.89
CA GLY B 80 13.00 8.43 -10.64
C GLY B 80 11.96 7.37 -10.88
N LEU B 81 10.77 7.55 -10.30
CA LEU B 81 9.68 6.59 -10.47
C LEU B 81 9.29 6.52 -11.95
N LEU B 82 9.08 5.32 -12.49
CA LEU B 82 8.73 5.21 -13.91
C LEU B 82 7.26 4.89 -14.09
N ALA B 83 6.73 4.08 -13.19
CA ALA B 83 5.34 3.66 -13.25
C ALA B 83 5.07 2.77 -12.05
N HIS B 84 3.79 2.50 -11.78
CA HIS B 84 3.45 1.63 -10.68
C HIS B 84 2.12 0.93 -10.96
N ALA B 85 1.93 -0.22 -10.33
CA ALA B 85 0.72 -0.98 -10.53
C ALA B 85 0.21 -1.52 -9.19
N PHE B 86 -1.10 -1.62 -9.07
CA PHE B 86 -1.72 -2.12 -7.85
C PHE B 86 -1.86 -3.64 -7.93
N PRO B 87 -1.66 -4.33 -6.81
CA PRO B 87 -1.78 -5.79 -6.79
C PRO B 87 -3.23 -6.20 -7.04
N PRO B 88 -3.46 -7.48 -7.34
CA PRO B 88 -4.80 -7.99 -7.61
C PRO B 88 -5.83 -7.52 -6.58
N GLY B 89 -7.03 -7.20 -7.07
CA GLY B 89 -8.08 -6.74 -6.17
C GLY B 89 -9.08 -5.86 -6.89
N PRO B 90 -10.14 -5.42 -6.20
CA PRO B 90 -11.16 -4.55 -6.80
C PRO B 90 -10.71 -3.09 -6.88
N ASN B 91 -11.53 -2.27 -7.54
CA ASN B 91 -11.24 -0.84 -7.68
C ASN B 91 -9.89 -0.61 -8.36
N TYR B 92 -8.96 0.04 -7.67
CA TYR B 92 -7.64 0.29 -8.26
C TYR B 92 -6.79 -0.96 -8.43
N GLY B 93 -7.12 -2.02 -7.68
CA GLY B 93 -6.35 -3.24 -7.79
C GLY B 93 -6.11 -3.67 -9.22
N GLY B 94 -4.85 -3.96 -9.56
CA GLY B 94 -4.54 -4.39 -10.91
C GLY B 94 -4.23 -3.26 -11.88
N ASP B 95 -4.70 -2.06 -11.57
CA ASP B 95 -4.47 -0.91 -12.44
C ASP B 95 -2.98 -0.58 -12.60
N ALA B 96 -2.62 -0.07 -13.78
CA ALA B 96 -1.23 0.29 -14.06
C ALA B 96 -1.15 1.74 -14.53
N HIS B 97 -0.27 2.50 -13.89
CA HIS B 97 -0.07 3.91 -14.22
C HIS B 97 1.36 4.15 -14.67
N PHE B 98 1.51 4.89 -15.77
CA PHE B 98 2.82 5.19 -16.33
C PHE B 98 3.07 6.69 -16.23
N ASP B 99 4.26 7.07 -15.75
CA ASP B 99 4.63 8.48 -15.58
C ASP B 99 4.86 9.11 -16.94
N ASP B 100 3.98 10.03 -17.34
CA ASP B 100 4.16 10.65 -18.64
C ASP B 100 5.18 11.77 -18.69
N ASP B 101 5.98 11.89 -17.63
CA ASP B 101 7.05 12.87 -17.62
C ASP B 101 8.32 12.12 -18.03
N GLU B 102 8.14 10.83 -18.31
CA GLU B 102 9.23 9.99 -18.79
C GLU B 102 9.02 9.91 -20.29
N THR B 103 10.09 9.60 -21.02
CA THR B 103 9.98 9.48 -22.47
C THR B 103 9.80 8.01 -22.80
N TRP B 104 8.68 7.68 -23.44
CA TRP B 104 8.35 6.31 -23.80
C TRP B 104 8.58 6.01 -25.26
N THR B 105 8.97 4.78 -25.57
CA THR B 105 9.22 4.42 -26.95
C THR B 105 9.09 2.93 -27.22
N SER B 106 9.15 2.60 -28.51
CA SER B 106 9.10 1.22 -28.98
C SER B 106 10.30 1.00 -29.89
N SER B 107 10.54 1.96 -30.78
CA SER B 107 11.65 1.87 -31.72
C SER B 107 12.51 3.12 -31.80
N SER B 108 12.35 4.04 -30.85
CA SER B 108 13.16 5.26 -30.84
C SER B 108 13.86 5.43 -29.50
N LYS B 109 13.98 6.67 -29.04
CA LYS B 109 14.65 6.96 -27.77
C LYS B 109 13.68 6.97 -26.59
N GLY B 110 14.16 6.53 -25.43
CA GLY B 110 13.32 6.51 -24.25
C GLY B 110 13.18 5.13 -23.64
N TYR B 111 12.39 5.03 -22.56
CA TYR B 111 12.14 3.77 -21.89
C TYR B 111 11.22 2.93 -22.77
N ASN B 112 11.51 1.65 -22.90
CA ASN B 112 10.68 0.79 -23.73
C ASN B 112 9.36 0.54 -22.99
N LEU B 113 8.26 1.02 -23.57
CA LEU B 113 6.94 0.87 -22.96
C LEU B 113 6.56 -0.59 -22.75
N PHE B 114 6.76 -1.42 -23.78
CA PHE B 114 6.44 -2.83 -23.67
C PHE B 114 7.11 -3.48 -22.46
N LEU B 115 8.41 -3.22 -22.32
CA LEU B 115 9.17 -3.79 -21.22
C LEU B 115 8.67 -3.35 -19.84
N VAL B 116 8.46 -2.06 -19.69
CA VAL B 116 7.98 -1.54 -18.41
C VAL B 116 6.57 -2.06 -18.14
N ALA B 117 5.74 -2.14 -19.18
CA ALA B 117 4.38 -2.64 -19.03
C ALA B 117 4.38 -4.10 -18.61
N ALA B 118 5.25 -4.90 -19.22
CA ALA B 118 5.32 -6.32 -18.89
C ALA B 118 5.66 -6.47 -17.41
N HIS B 119 6.60 -5.65 -16.94
CA HIS B 119 7.01 -5.65 -15.54
C HIS B 119 5.85 -5.26 -14.64
N GLU B 120 5.21 -4.14 -14.96
CA GLU B 120 4.08 -3.67 -14.19
C GLU B 120 2.92 -4.66 -14.13
N PHE B 121 2.62 -5.30 -15.25
CA PHE B 121 1.54 -6.27 -15.29
C PHE B 121 1.91 -7.45 -14.40
N GLY B 122 3.21 -7.66 -14.18
CA GLY B 122 3.62 -8.73 -13.30
C GLY B 122 3.08 -8.43 -11.91
N HIS B 123 3.15 -7.16 -11.52
CA HIS B 123 2.62 -6.73 -10.23
C HIS B 123 1.10 -6.83 -10.22
N SER B 124 0.49 -6.45 -11.34
CA SER B 124 -0.96 -6.49 -11.47
C SER B 124 -1.48 -7.91 -11.26
N LEU B 125 -0.65 -8.90 -11.57
CA LEU B 125 -1.04 -10.30 -11.44
C LEU B 125 -0.67 -10.97 -10.12
N GLY B 126 0.08 -10.26 -9.28
CA GLY B 126 0.43 -10.84 -8.00
C GLY B 126 1.91 -11.11 -7.74
N LEU B 127 2.78 -10.63 -8.62
CA LEU B 127 4.21 -10.84 -8.43
C LEU B 127 4.90 -9.64 -7.80
N ASP B 128 5.83 -9.93 -6.89
CA ASP B 128 6.59 -8.89 -6.21
C ASP B 128 7.93 -8.86 -6.96
N HIS B 129 8.86 -8.07 -6.46
CA HIS B 129 10.18 -7.97 -7.08
C HIS B 129 11.04 -9.20 -6.85
N SER B 130 11.85 -9.53 -7.85
CA SER B 130 12.75 -10.66 -7.79
C SER B 130 14.14 -10.18 -7.41
N LYS B 131 14.97 -11.07 -6.87
CA LYS B 131 16.33 -10.73 -6.49
C LYS B 131 17.31 -11.10 -7.61
N ASP B 132 16.80 -11.80 -8.61
CA ASP B 132 17.60 -12.24 -9.74
C ASP B 132 17.78 -11.07 -10.71
N PRO B 133 19.00 -10.54 -10.82
CA PRO B 133 19.39 -9.42 -11.69
C PRO B 133 18.92 -9.49 -13.14
N GLY B 134 18.73 -10.70 -13.65
CA GLY B 134 18.31 -10.85 -15.04
C GLY B 134 16.83 -11.10 -15.25
N ALA B 135 16.07 -11.08 -14.16
CA ALA B 135 14.64 -11.32 -14.25
C ALA B 135 13.84 -10.08 -14.65
N LEU B 136 12.69 -10.31 -15.26
CA LEU B 136 11.82 -9.22 -15.69
C LEU B 136 11.37 -8.44 -14.46
N MET B 137 11.13 -9.17 -13.37
CA MET B 137 10.65 -8.55 -12.14
C MET B 137 11.74 -7.98 -11.22
N PHE B 138 12.96 -7.85 -11.74
CA PHE B 138 14.04 -7.26 -10.95
C PHE B 138 13.60 -5.80 -10.80
N PRO B 139 13.94 -5.15 -9.68
CA PRO B 139 13.54 -3.75 -9.49
C PRO B 139 14.16 -2.67 -10.37
N ILE B 140 15.31 -2.94 -10.98
CA ILE B 140 15.98 -1.94 -11.81
C ILE B 140 15.88 -2.20 -13.32
N TYR B 141 15.40 -1.18 -14.04
CA TYR B 141 15.25 -1.25 -15.50
C TYR B 141 16.62 -1.48 -16.15
N THR B 142 16.71 -2.55 -16.96
CA THR B 142 17.96 -2.88 -17.64
C THR B 142 17.72 -3.42 -19.04
N TYR B 143 17.47 -2.52 -19.99
CA TYR B 143 17.20 -2.88 -21.38
C TYR B 143 18.43 -3.50 -22.05
N THR B 144 18.28 -4.72 -22.56
CA THR B 144 19.38 -5.41 -23.21
C THR B 144 19.59 -5.09 -24.68
N GLY B 145 18.59 -4.45 -25.30
CA GLY B 145 18.72 -4.07 -26.70
C GLY B 145 18.37 -5.15 -27.72
N LYS B 146 18.08 -6.37 -27.27
CA LYS B 146 17.74 -7.45 -28.18
C LYS B 146 16.42 -7.18 -28.89
N SER B 147 16.26 -7.72 -30.09
CA SER B 147 15.05 -7.53 -30.87
C SER B 147 13.95 -8.52 -30.50
N HIS B 148 14.29 -9.51 -29.70
CA HIS B 148 13.32 -10.51 -29.27
C HIS B 148 13.30 -10.61 -27.76
N PHE B 149 12.10 -10.66 -27.18
CA PHE B 149 11.96 -10.76 -25.74
C PHE B 149 11.68 -12.19 -25.31
N MET B 150 12.42 -12.64 -24.32
CA MET B 150 12.24 -13.99 -23.76
C MET B 150 12.05 -13.84 -22.26
N LEU B 151 10.91 -14.32 -21.76
CA LEU B 151 10.63 -14.23 -20.34
C LEU B 151 11.61 -15.10 -19.56
N PRO B 152 12.38 -14.49 -18.64
CA PRO B 152 13.35 -15.24 -17.84
C PRO B 152 12.67 -16.34 -17.03
N ASP B 153 13.35 -17.47 -16.87
CA ASP B 153 12.80 -18.59 -16.13
C ASP B 153 12.35 -18.25 -14.72
N ASP B 154 13.02 -17.30 -14.08
CA ASP B 154 12.64 -16.91 -12.72
C ASP B 154 11.21 -16.39 -12.70
N ASP B 155 10.90 -15.56 -13.70
CA ASP B 155 9.56 -14.98 -13.82
C ASP B 155 8.52 -16.04 -14.20
N VAL B 156 8.93 -16.99 -15.02
CA VAL B 156 8.03 -18.07 -15.43
C VAL B 156 7.66 -18.88 -14.19
N GLN B 157 8.66 -19.24 -13.41
CA GLN B 157 8.42 -20.02 -12.20
C GLN B 157 7.53 -19.25 -11.23
N GLY B 158 7.81 -17.95 -11.10
CA GLY B 158 7.02 -17.13 -10.19
C GLY B 158 5.55 -17.02 -10.53
N ILE B 159 5.25 -16.68 -11.79
CA ILE B 159 3.86 -16.53 -12.21
C ILE B 159 3.13 -17.87 -12.20
N GLN B 160 3.83 -18.95 -12.57
CA GLN B 160 3.20 -20.26 -12.59
C GLN B 160 2.95 -20.80 -11.19
N SER B 161 3.66 -20.28 -10.20
CA SER B 161 3.47 -20.73 -8.82
C SER B 161 2.11 -20.23 -8.35
N LEU B 162 1.58 -19.24 -9.05
CA LEU B 162 0.29 -18.65 -8.70
C LEU B 162 -0.85 -19.13 -9.58
N TYR B 163 -0.59 -19.24 -10.88
CA TYR B 163 -1.62 -19.63 -11.83
C TYR B 163 -1.44 -20.96 -12.55
N GLY B 164 -0.25 -21.56 -12.40
CA GLY B 164 0.02 -22.81 -13.06
C GLY B 164 0.37 -22.56 -14.53
N PRO B 165 0.81 -23.59 -15.26
CA PRO B 165 1.20 -23.47 -16.67
C PRO B 165 0.00 -23.38 -17.60
N GLY B 166 0.25 -23.01 -18.84
CA GLY B 166 -0.83 -22.90 -19.81
C GLY B 166 -1.14 -24.25 -20.45
#